data_2HFK
#
_entry.id   2HFK
#
_cell.length_a   108.051
_cell.length_b   131.076
_cell.length_c   57.512
_cell.angle_alpha   90.00
_cell.angle_beta   90.00
_cell.angle_gamma   90.00
#
_symmetry.space_group_name_H-M   'P 21 21 2'
#
loop_
_entity.id
_entity.type
_entity.pdbx_description
1 polymer 'Type I polyketide synthase PikAIV'
2 non-polymer 'SULFATE ION'
3 non-polymer 'MAGNESIUM ION'
4 non-polymer 'DIMETHYL SULFOXIDE'
5 non-polymer (3R,4S,5S,7R,9E,11R,12R)-12-ETHYL-4-HYDROXY-3,5,7,11-TETRAMETHYLOXACYCLODODEC-9-ENE-2,8-DIONE
6 water water
#
_entity_poly.entity_id   1
_entity_poly.type   'polypeptide(L)'
_entity_poly.pdbx_seq_one_letter_code
;MGSSHHHHHHSSGLVPRGSHMSGADTGAGAGMFRALFRQAVEDDRYGEFLDVLAEASAFRPQFASPEACSERLDPVLLAG
GPTDRAEGRAVLVGCTGTAANGGPHEFLRLSTSFQEERDFLAVPLPGYGTGTGTGTALLPADLDTALDAQARAILRAAGD
APVVLLGHAGGALLAHELAFRLERAHGAPPAGIVLVDPYPPGHQEPIEVWSRQLGEGLFAGELEPMSDARLLAMGRYARF
LAGPRPGRSSAPVLLVRASEPLGDWQEERGDWRAHWDLPHTVADVPGDHFTMMRDHAPAVAEAVLSWLDAIEGIEGAGK
;
_entity_poly.pdbx_strand_id   A,B
#
# COMPACT_ATOMS: atom_id res chain seq x y z
N ALA A 30 -0.19 -14.21 -7.26
CA ALA A 30 -1.60 -13.74 -7.05
C ALA A 30 -1.69 -12.87 -5.80
N GLY A 31 -2.35 -11.73 -5.94
CA GLY A 31 -2.45 -10.73 -4.88
C GLY A 31 -2.21 -9.36 -5.48
N MET A 32 -2.93 -8.36 -4.98
CA MET A 32 -2.89 -7.02 -5.55
C MET A 32 -1.53 -6.33 -5.38
N PHE A 33 -0.87 -6.54 -4.24
CA PHE A 33 0.45 -5.93 -4.04
C PHE A 33 1.44 -6.43 -5.10
N ARG A 34 1.39 -7.72 -5.40
CA ARG A 34 2.23 -8.28 -6.47
C ARG A 34 1.90 -7.68 -7.84
N ALA A 35 0.60 -7.51 -8.14
CA ALA A 35 0.19 -6.88 -9.41
C ALA A 35 0.71 -5.45 -9.52
N LEU A 36 0.56 -4.69 -8.44
CA LEU A 36 1.02 -3.29 -8.37
C LEU A 36 2.53 -3.23 -8.56
N PHE A 37 3.23 -4.16 -7.94
CA PHE A 37 4.71 -4.21 -7.99
C PHE A 37 5.17 -4.44 -9.42
N ARG A 38 4.49 -5.35 -10.11
CA ARG A 38 4.79 -5.66 -11.51
C ARG A 38 4.63 -4.42 -12.39
N GLN A 39 3.53 -3.69 -12.20
CA GLN A 39 3.29 -2.43 -12.91
C GLN A 39 4.34 -1.36 -12.58
N ALA A 40 4.67 -1.21 -11.31
CA ALA A 40 5.69 -0.26 -10.87
C ALA A 40 7.03 -0.55 -11.53
N VAL A 41 7.38 -1.83 -11.62
CA VAL A 41 8.62 -2.23 -12.27
C VAL A 41 8.62 -1.82 -13.75
N GLU A 42 7.54 -2.19 -14.47
CA GLU A 42 7.37 -1.78 -15.86
C GLU A 42 7.52 -0.28 -16.05
N ASP A 43 6.94 0.49 -15.13
CA ASP A 43 6.95 1.96 -15.23
C ASP A 43 8.21 2.60 -14.68
N ASP A 44 9.18 1.77 -14.26
CA ASP A 44 10.45 2.24 -13.70
C ASP A 44 10.22 3.08 -12.44
N ARG A 45 9.35 2.57 -11.57
CA ARG A 45 9.05 3.21 -10.29
C ARG A 45 9.21 2.23 -9.11
N TYR A 46 10.23 1.37 -9.21
CA TYR A 46 10.55 0.39 -8.16
C TYR A 46 10.67 1.06 -6.79
N GLY A 47 11.51 2.09 -6.73
CA GLY A 47 11.80 2.79 -5.47
C GLY A 47 10.55 3.34 -4.83
N GLU A 48 9.72 3.99 -5.63
CA GLU A 48 8.44 4.53 -5.19
C GLU A 48 7.53 3.46 -4.60
N PHE A 49 7.44 2.31 -5.26
CA PHE A 49 6.60 1.22 -4.77
C PHE A 49 7.14 0.57 -3.48
N LEU A 50 8.46 0.45 -3.38
CA LEU A 50 9.06 -0.01 -2.13
C LEU A 50 8.66 0.86 -0.93
N ASP A 51 8.57 2.17 -1.15
CA ASP A 51 8.09 3.07 -0.09
C ASP A 51 6.63 2.76 0.30
N VAL A 52 5.79 2.51 -0.69
CA VAL A 52 4.40 2.09 -0.44
C VAL A 52 4.33 0.80 0.37
N LEU A 53 5.12 -0.19 -0.02
CA LEU A 53 5.21 -1.46 0.72
C LEU A 53 5.59 -1.23 2.18
N ALA A 54 6.61 -0.40 2.40
CA ALA A 54 7.06 -0.08 3.76
C ALA A 54 5.96 0.59 4.59
N GLU A 55 5.28 1.58 4.00
CA GLU A 55 4.17 2.26 4.69
C GLU A 55 3.04 1.31 5.01
N ALA A 56 2.68 0.46 4.04
CA ALA A 56 1.60 -0.51 4.21
C ALA A 56 1.93 -1.52 5.30
N SER A 57 3.20 -1.88 5.42
CA SER A 57 3.66 -2.88 6.41
C SER A 57 3.37 -2.50 7.86
N ALA A 58 3.28 -1.20 8.13
CA ALA A 58 2.90 -0.68 9.45
C ALA A 58 1.60 -1.32 9.98
N PHE A 59 0.75 -1.78 9.06
CA PHE A 59 -0.57 -2.29 9.41
C PHE A 59 -0.66 -3.81 9.48
N ARG A 60 0.51 -4.46 9.43
CA ARG A 60 0.61 -5.89 9.63
C ARG A 60 0.83 -6.15 11.12
N PRO A 61 0.28 -7.26 11.65
CA PRO A 61 0.56 -7.65 13.04
C PRO A 61 2.07 -7.81 13.27
N GLN A 62 2.57 -7.30 14.39
CA GLN A 62 4.00 -7.26 14.67
C GLN A 62 4.40 -8.06 15.91
N PHE A 63 5.69 -8.38 16.02
CA PHE A 63 6.27 -8.79 17.30
C PHE A 63 7.22 -7.70 17.83
N ALA A 64 7.03 -7.33 19.10
CA ALA A 64 7.76 -6.21 19.72
C ALA A 64 8.94 -6.65 20.61
N SER A 65 9.02 -7.95 20.89
CA SER A 65 10.12 -8.51 21.65
C SER A 65 10.61 -9.77 20.93
N PRO A 66 11.92 -10.07 21.02
CA PRO A 66 12.48 -11.26 20.34
C PRO A 66 11.70 -12.54 20.61
N GLU A 67 11.23 -12.70 21.85
CA GLU A 67 10.49 -13.89 22.31
C GLU A 67 9.13 -14.03 21.65
N ALA A 68 8.53 -12.92 21.25
CA ALA A 68 7.19 -12.91 20.64
C ALA A 68 7.23 -13.24 19.14
N CYS A 69 8.41 -13.52 18.61
CA CYS A 69 8.57 -13.93 17.21
C CYS A 69 7.82 -15.22 16.95
N SER A 70 7.01 -15.24 15.90
CA SER A 70 6.08 -16.34 15.64
C SER A 70 6.74 -17.51 14.91
N GLU A 71 8.02 -17.36 14.57
CA GLU A 71 8.71 -18.36 13.77
C GLU A 71 9.85 -19.03 14.52
N ARG A 72 10.10 -20.27 14.13
CA ARG A 72 11.27 -21.00 14.58
C ARG A 72 12.41 -20.63 13.65
N LEU A 73 13.39 -19.93 14.20
CA LEU A 73 14.51 -19.42 13.43
C LEU A 73 15.70 -20.35 13.50
N ASP A 74 15.42 -21.63 13.81
CA ASP A 74 16.46 -22.63 13.88
C ASP A 74 17.22 -22.65 12.57
N PRO A 75 18.54 -22.37 12.61
CA PRO A 75 19.35 -22.44 11.41
C PRO A 75 19.38 -23.85 10.83
N VAL A 76 19.49 -23.93 9.52
CA VAL A 76 19.61 -25.20 8.82
C VAL A 76 21.07 -25.43 8.47
N LEU A 77 21.58 -26.60 8.80
CA LEU A 77 22.95 -26.96 8.44
C LEU A 77 22.98 -27.43 6.99
N LEU A 78 23.58 -26.62 6.12
CA LEU A 78 23.59 -26.89 4.69
C LEU A 78 24.90 -27.46 4.18
N ALA A 79 25.93 -27.39 5.00
CA ALA A 79 27.21 -28.03 4.70
C ALA A 79 27.93 -28.33 5.99
N GLY A 80 28.75 -29.38 5.95
CA GLY A 80 29.50 -29.82 7.12
C GLY A 80 30.98 -29.78 6.85
N GLY A 81 31.71 -29.28 7.84
CA GLY A 81 33.16 -29.27 7.78
C GLY A 81 33.71 -30.65 8.16
N PRO A 82 35.05 -30.80 8.11
CA PRO A 82 35.72 -32.04 8.47
C PRO A 82 35.45 -32.42 9.93
N THR A 83 35.14 -33.70 10.17
CA THR A 83 34.93 -34.23 11.51
C THR A 83 36.11 -33.93 12.44
N ASP A 84 37.30 -33.88 11.86
CA ASP A 84 38.56 -33.59 12.56
C ASP A 84 38.49 -32.24 13.30
N ALA A 86 36.43 -27.85 14.15
CA ALA A 86 36.41 -28.84 15.20
C ALA A 86 37.82 -29.09 15.76
N GLU A 87 38.14 -28.43 16.87
CA GLU A 87 37.28 -27.42 17.50
C GLU A 87 37.98 -26.06 17.56
N GLY A 88 37.21 -25.02 17.87
CA GLY A 88 37.72 -23.64 17.84
C GLY A 88 37.71 -23.05 16.44
N ARG A 89 37.18 -23.82 15.50
CA ARG A 89 37.18 -23.43 14.10
C ARG A 89 35.87 -22.72 13.78
N ALA A 90 35.96 -21.63 13.01
CA ALA A 90 34.80 -20.81 12.73
C ALA A 90 33.77 -21.54 11.85
N VAL A 91 32.50 -21.33 12.16
CA VAL A 91 31.39 -21.82 11.33
C VAL A 91 30.83 -20.63 10.55
N LEU A 92 30.35 -20.90 9.35
CA LEU A 92 29.73 -19.85 8.55
C LEU A 92 28.23 -19.78 8.82
N VAL A 93 27.71 -18.55 8.91
CA VAL A 93 26.29 -18.34 9.09
C VAL A 93 25.75 -17.48 7.94
N GLY A 94 24.90 -18.08 7.12
CA GLY A 94 24.25 -17.37 6.00
C GLY A 94 23.06 -16.59 6.51
N CYS A 95 23.13 -15.27 6.35
CA CYS A 95 22.08 -14.37 6.76
C CYS A 95 21.15 -14.14 5.57
N THR A 96 19.99 -14.75 5.65
CA THR A 96 18.99 -14.64 4.58
C THR A 96 18.69 -13.17 4.24
N GLY A 97 18.64 -12.87 2.94
CA GLY A 97 18.33 -11.50 2.47
C GLY A 97 16.84 -11.16 2.47
N THR A 98 16.49 -9.98 1.93
CA THR A 98 15.12 -9.47 2.09
C THR A 98 14.20 -9.85 0.93
N ALA A 99 14.78 -10.39 -0.15
CA ALA A 99 13.98 -10.62 -1.36
C ALA A 99 12.72 -11.44 -1.08
N ALA A 100 11.57 -10.92 -1.53
CA ALA A 100 10.27 -11.57 -1.29
C ALA A 100 10.15 -12.96 -1.94
N ASN A 101 10.99 -13.23 -2.94
CA ASN A 101 11.01 -14.55 -3.62
C ASN A 101 12.03 -15.51 -3.02
N GLY A 102 12.63 -15.09 -1.90
CA GLY A 102 13.71 -15.83 -1.28
C GLY A 102 13.23 -16.83 -0.26
N GLY A 103 14.19 -17.34 0.52
CA GLY A 103 13.91 -18.29 1.58
C GLY A 103 15.04 -19.31 1.70
N PRO A 104 14.70 -20.53 2.15
CA PRO A 104 15.68 -21.61 2.40
C PRO A 104 16.55 -22.02 1.22
N HIS A 105 16.12 -21.71 0.00
N HIS A 105 16.09 -21.73 0.00
CA HIS A 105 16.87 -22.07 -1.20
CA HIS A 105 16.83 -22.03 -1.23
C HIS A 105 18.05 -21.12 -1.49
C HIS A 105 18.09 -21.18 -1.41
N GLU A 106 18.10 -19.99 -0.79
CA GLU A 106 19.11 -18.93 -1.09
C GLU A 106 20.57 -19.40 -1.19
N PHE A 107 21.00 -20.18 -0.19
CA PHE A 107 22.42 -20.54 -0.06
C PHE A 107 22.71 -21.97 -0.57
N LEU A 108 21.73 -22.61 -1.21
CA LEU A 108 21.94 -23.99 -1.66
C LEU A 108 23.14 -24.16 -2.59
N ARG A 109 23.28 -23.31 -3.62
CA ARG A 109 24.42 -23.44 -4.53
C ARG A 109 25.75 -23.11 -3.87
N LEU A 110 25.79 -21.99 -3.15
CA LEU A 110 27.02 -21.59 -2.49
C LEU A 110 27.50 -22.64 -1.48
N SER A 111 26.56 -23.17 -0.70
CA SER A 111 26.90 -24.05 0.42
C SER A 111 27.59 -25.36 0.01
N THR A 112 27.30 -25.87 -1.19
CA THR A 112 27.96 -27.11 -1.65
C THR A 112 29.49 -26.98 -1.65
N SER A 113 29.99 -25.77 -1.99
CA SER A 113 31.43 -25.49 -1.98
C SER A 113 32.09 -25.49 -0.59
N PHE A 114 31.29 -25.43 0.47
CA PHE A 114 31.81 -25.48 1.82
C PHE A 114 31.82 -26.91 2.38
N GLN A 115 31.19 -27.84 1.68
CA GLN A 115 31.16 -29.23 2.16
C GLN A 115 32.58 -29.79 2.29
N GLU A 116 32.87 -30.38 3.46
CA GLU A 116 34.20 -30.88 3.85
C GLU A 116 35.22 -29.75 4.13
N GLU A 117 34.74 -28.51 4.25
CA GLU A 117 35.61 -27.36 4.57
C GLU A 117 35.14 -26.61 5.80
N ARG A 118 33.87 -26.22 5.81
CA ARG A 118 33.30 -25.44 6.90
C ARG A 118 31.85 -25.82 7.10
N ASP A 119 31.41 -25.84 8.35
CA ASP A 119 30.00 -25.88 8.66
C ASP A 119 29.41 -24.60 8.10
N PHE A 120 28.23 -24.72 7.49
CA PHE A 120 27.47 -23.58 6.97
C PHE A 120 26.03 -23.68 7.45
N LEU A 121 25.62 -22.72 8.27
CA LEU A 121 24.26 -22.67 8.81
C LEU A 121 23.51 -21.53 8.12
N ALA A 122 22.30 -21.80 7.64
CA ALA A 122 21.48 -20.74 7.07
C ALA A 122 20.41 -20.33 8.07
N VAL A 123 20.37 -19.05 8.46
CA VAL A 123 19.37 -18.52 9.40
C VAL A 123 18.24 -17.77 8.65
N PRO A 124 16.98 -18.10 8.97
CA PRO A 124 15.87 -17.39 8.30
C PRO A 124 15.77 -15.94 8.78
N LEU A 125 15.17 -15.09 7.95
CA LEU A 125 14.87 -13.72 8.32
C LEU A 125 13.43 -13.67 8.85
N PRO A 126 13.24 -13.17 10.08
CA PRO A 126 11.90 -13.15 10.69
C PRO A 126 10.90 -12.32 9.89
N GLY A 127 9.68 -12.84 9.75
CA GLY A 127 8.62 -12.13 9.06
C GLY A 127 8.18 -12.76 7.74
N TYR A 128 8.90 -13.79 7.29
CA TYR A 128 8.64 -14.40 5.98
C TYR A 128 7.97 -15.78 6.05
N GLY A 129 7.80 -16.31 7.27
CA GLY A 129 7.28 -17.66 7.44
C GLY A 129 5.77 -17.80 7.33
N THR A 130 5.30 -19.05 7.35
CA THR A 130 3.86 -19.36 7.33
C THR A 130 3.52 -20.48 8.34
N GLY A 131 2.26 -20.54 8.76
CA GLY A 131 1.78 -21.58 9.68
C GLY A 131 1.40 -21.04 11.05
N GLY A 135 -2.26 -18.83 7.80
CA GLY A 135 -1.58 -17.96 8.76
C GLY A 135 -0.21 -17.51 8.29
N THR A 136 0.13 -16.26 8.58
CA THR A 136 1.42 -15.69 8.18
C THR A 136 2.18 -15.06 9.35
N ALA A 137 3.50 -15.02 9.22
CA ALA A 137 4.38 -14.60 10.31
C ALA A 137 4.20 -13.13 10.69
N LEU A 138 4.36 -12.87 11.98
CA LEU A 138 4.43 -11.52 12.51
C LEU A 138 5.67 -10.78 12.00
N LEU A 139 5.50 -9.49 11.69
CA LEU A 139 6.63 -8.67 11.27
C LEU A 139 7.36 -8.06 12.47
N PRO A 140 8.68 -7.87 12.37
CA PRO A 140 9.36 -7.27 13.52
C PRO A 140 8.96 -5.81 13.68
N ALA A 141 8.78 -5.37 14.92
CA ALA A 141 8.47 -3.96 15.19
C ALA A 141 9.60 -3.05 14.71
N ASP A 142 10.84 -3.48 14.95
CA ASP A 142 12.02 -2.74 14.50
C ASP A 142 13.12 -3.73 14.16
N LEU A 143 14.20 -3.26 13.55
CA LEU A 143 15.24 -4.19 13.09
C LEU A 143 15.93 -4.90 14.26
N ASP A 144 16.24 -4.16 15.32
CA ASP A 144 16.91 -4.74 16.50
C ASP A 144 16.16 -5.94 17.08
N THR A 145 14.84 -5.87 17.07
CA THR A 145 13.99 -6.94 17.57
C THR A 145 14.17 -8.22 16.73
N ALA A 146 14.20 -8.06 15.41
CA ALA A 146 14.48 -9.16 14.48
C ALA A 146 15.91 -9.70 14.62
N LEU A 147 16.87 -8.80 14.78
CA LEU A 147 18.27 -9.21 14.93
C LEU A 147 18.49 -9.99 16.22
N ASP A 148 17.81 -9.57 17.29
CA ASP A 148 17.89 -10.27 18.58
C ASP A 148 17.32 -11.69 18.49
N ALA A 149 16.24 -11.87 17.73
CA ALA A 149 15.67 -13.20 17.51
C ALA A 149 16.63 -14.10 16.71
N GLN A 150 17.25 -13.55 15.66
CA GLN A 150 18.28 -14.27 14.91
C GLN A 150 19.48 -14.61 15.80
N ALA A 151 19.94 -13.63 16.56
CA ALA A 151 21.10 -13.77 17.44
C ALA A 151 20.93 -14.96 18.40
N ARG A 152 19.77 -15.04 19.05
CA ARG A 152 19.50 -16.13 19.99
C ARG A 152 19.55 -17.50 19.30
N ALA A 153 18.96 -17.61 18.11
CA ALA A 153 18.98 -18.89 17.37
C ALA A 153 20.38 -19.29 16.90
N ILE A 154 21.15 -18.32 16.42
CA ILE A 154 22.53 -18.54 15.98
C ILE A 154 23.43 -19.02 17.13
N LEU A 155 23.39 -18.31 18.26
CA LEU A 155 24.27 -18.62 19.39
C LEU A 155 24.00 -20.03 19.91
N ARG A 156 22.72 -20.37 20.01
CA ARG A 156 22.29 -21.73 20.37
C ARG A 156 22.84 -22.78 19.40
N ALA A 157 22.74 -22.51 18.11
CA ALA A 157 23.20 -23.45 17.07
C ALA A 157 24.72 -23.55 16.98
N ALA A 158 25.42 -22.46 17.23
CA ALA A 158 26.87 -22.42 17.00
C ALA A 158 27.64 -23.01 18.18
N GLY A 159 27.04 -22.93 19.37
CA GLY A 159 27.67 -23.40 20.59
C GLY A 159 28.93 -22.61 20.92
N ASP A 160 30.06 -23.30 20.99
CA ASP A 160 31.35 -22.67 21.33
C ASP A 160 32.10 -22.13 20.12
N ALA A 161 31.68 -22.52 18.92
CA ALA A 161 32.43 -22.18 17.71
C ALA A 161 32.33 -20.68 17.39
N PRO A 162 33.45 -20.07 16.95
CA PRO A 162 33.40 -18.70 16.47
C PRO A 162 32.49 -18.65 15.25
N VAL A 163 31.84 -17.52 15.03
CA VAL A 163 30.87 -17.37 13.94
C VAL A 163 31.39 -16.34 12.93
N VAL A 164 31.32 -16.69 11.65
CA VAL A 164 31.53 -15.72 10.59
C VAL A 164 30.20 -15.54 9.83
N LEU A 165 29.67 -14.31 9.85
CA LEU A 165 28.41 -14.03 9.16
C LEU A 165 28.64 -13.76 7.68
N LEU A 166 27.71 -14.22 6.84
CA LEU A 166 27.83 -14.03 5.41
C LEU A 166 26.47 -13.60 4.88
N GLY A 167 26.47 -12.61 3.98
CA GLY A 167 25.21 -12.16 3.36
C GLY A 167 25.47 -11.56 2.00
N HIS A 168 24.46 -11.59 1.13
CA HIS A 168 24.58 -11.08 -0.24
C HIS A 168 23.55 -9.97 -0.43
N ALA A 169 23.99 -8.83 -0.98
CA ALA A 169 23.12 -7.70 -1.33
C ALA A 169 22.42 -7.16 -0.07
N GLY A 170 21.09 -7.11 -0.03
CA GLY A 170 20.39 -6.72 1.21
C GLY A 170 20.81 -7.58 2.41
N GLY A 171 21.08 -8.87 2.14
CA GLY A 171 21.54 -9.82 3.17
C GLY A 171 22.90 -9.43 3.73
N ALA A 172 23.76 -8.86 2.87
CA ALA A 172 25.06 -8.32 3.32
C ALA A 172 24.87 -7.16 4.30
N LEU A 173 24.01 -6.20 3.96
CA LEU A 173 23.68 -5.12 4.92
C LEU A 173 23.14 -5.70 6.24
N LEU A 174 22.28 -6.72 6.15
CA LEU A 174 21.73 -7.39 7.33
C LEU A 174 22.81 -8.12 8.13
N ALA A 175 23.77 -8.72 7.43
CA ALA A 175 24.88 -9.40 8.11
C ALA A 175 25.66 -8.42 8.98
N HIS A 176 25.93 -7.23 8.45
CA HIS A 176 26.68 -6.26 9.24
C HIS A 176 25.88 -5.79 10.45
N GLU A 177 24.60 -5.51 10.25
CA GLU A 177 23.74 -5.05 11.33
C GLU A 177 23.62 -6.09 12.45
N LEU A 178 23.46 -7.35 12.05
CA LEU A 178 23.47 -8.47 12.99
C LEU A 178 24.82 -8.55 13.75
N ALA A 179 25.92 -8.44 13.03
CA ALA A 179 27.24 -8.49 13.67
C ALA A 179 27.36 -7.45 14.76
N PHE A 180 26.94 -6.22 14.46
CA PHE A 180 27.00 -5.17 15.49
C PHE A 180 26.10 -5.47 16.70
N ARG A 181 24.89 -5.96 16.43
CA ARG A 181 23.96 -6.33 17.50
C ARG A 181 24.49 -7.46 18.41
N LEU A 182 25.09 -8.48 17.80
CA LEU A 182 25.71 -9.60 18.54
C LEU A 182 26.79 -9.07 19.51
N GLU A 183 27.57 -8.13 19.01
CA GLU A 183 28.61 -7.48 19.80
C GLU A 183 28.06 -6.62 20.94
N ARG A 184 27.08 -5.76 20.61
N ARG A 184 27.09 -5.76 20.62
CA ARG A 184 26.57 -4.76 21.53
CA ARG A 184 26.60 -4.77 21.58
C ARG A 184 25.58 -5.31 22.56
C ARG A 184 25.55 -5.30 22.56
N ALA A 185 24.71 -6.23 22.12
CA ALA A 185 23.63 -6.75 22.95
C ALA A 185 23.78 -8.21 23.41
N HIS A 186 24.76 -8.92 22.87
CA HIS A 186 24.90 -10.35 23.17
C HIS A 186 26.32 -10.73 23.61
N GLY A 187 27.16 -9.72 23.80
CA GLY A 187 28.56 -9.89 24.24
C GLY A 187 29.37 -10.82 23.36
N ALA A 188 28.95 -10.95 22.10
CA ALA A 188 29.44 -11.99 21.22
C ALA A 188 29.78 -11.48 19.80
N PRO A 189 30.79 -10.61 19.68
CA PRO A 189 31.15 -10.17 18.33
C PRO A 189 31.55 -11.37 17.47
N PRO A 190 31.12 -11.39 16.19
CA PRO A 190 31.57 -12.47 15.33
C PRO A 190 33.07 -12.39 15.03
N ALA A 191 33.64 -13.50 14.57
CA ALA A 191 35.03 -13.59 14.13
C ALA A 191 35.27 -12.87 12.79
N GLY A 192 34.19 -12.63 12.05
CA GLY A 192 34.31 -11.98 10.76
C GLY A 192 32.96 -11.80 10.12
N ILE A 193 32.93 -11.01 9.04
CA ILE A 193 31.72 -10.76 8.25
C ILE A 193 32.10 -10.80 6.78
N VAL A 194 31.36 -11.59 6.00
CA VAL A 194 31.57 -11.64 4.56
C VAL A 194 30.40 -10.89 3.92
N LEU A 195 30.73 -9.79 3.24
CA LEU A 195 29.72 -8.94 2.59
C LEU A 195 29.83 -9.15 1.08
N VAL A 196 28.88 -9.89 0.52
CA VAL A 196 28.88 -10.18 -0.90
C VAL A 196 28.04 -9.10 -1.62
N ASP A 197 28.74 -8.24 -2.34
CA ASP A 197 28.14 -7.16 -3.16
C ASP A 197 27.22 -6.18 -2.39
N PRO A 198 27.71 -5.60 -1.28
CA PRO A 198 26.89 -4.67 -0.51
C PRO A 198 26.83 -3.29 -1.19
N TYR A 199 25.66 -2.66 -1.13
CA TYR A 199 25.51 -1.27 -1.58
C TYR A 199 24.95 -0.48 -0.40
N PRO A 200 25.84 0.11 0.42
CA PRO A 200 25.45 0.83 1.62
C PRO A 200 24.89 2.24 1.27
N PRO A 201 24.21 2.88 2.23
CA PRO A 201 23.51 4.16 1.97
C PRO A 201 24.29 5.25 1.23
N GLY A 202 25.61 5.29 1.38
CA GLY A 202 26.39 6.33 0.67
C GLY A 202 26.74 6.01 -0.76
N HIS A 203 26.36 4.81 -1.21
CA HIS A 203 26.72 4.32 -2.50
C HIS A 203 25.58 3.50 -3.07
N GLN A 204 24.48 4.18 -3.39
CA GLN A 204 23.28 3.50 -3.86
C GLN A 204 22.99 3.74 -5.32
N GLU A 205 23.72 4.66 -5.95
CA GLU A 205 23.40 5.04 -7.32
C GLU A 205 23.23 3.84 -8.28
N PRO A 206 24.15 2.86 -8.26
CA PRO A 206 23.93 1.71 -9.15
C PRO A 206 22.61 0.95 -8.93
N ILE A 207 22.19 0.80 -7.67
CA ILE A 207 20.92 0.12 -7.36
C ILE A 207 19.70 0.91 -7.86
N GLU A 208 19.81 2.22 -7.77
CA GLU A 208 18.83 3.16 -8.31
C GLU A 208 18.77 3.11 -9.83
N VAL A 209 19.93 3.22 -10.49
CA VAL A 209 20.00 3.15 -11.94
C VAL A 209 19.54 1.78 -12.48
N TRP A 210 19.84 0.70 -11.76
CA TRP A 210 19.45 -0.64 -12.21
C TRP A 210 18.18 -1.14 -11.54
N SER A 211 17.38 -0.23 -10.97
CA SER A 211 16.22 -0.67 -10.17
C SER A 211 15.24 -1.49 -11.00
N ARG A 212 14.96 -1.05 -12.23
CA ARG A 212 14.07 -1.81 -13.11
C ARG A 212 14.61 -3.23 -13.30
N GLN A 213 15.90 -3.34 -13.59
CA GLN A 213 16.57 -4.64 -13.77
C GLN A 213 16.51 -5.48 -12.48
N LEU A 214 16.64 -4.82 -11.33
CA LEU A 214 16.54 -5.49 -10.03
C LEU A 214 15.12 -6.03 -9.78
N GLY A 215 14.11 -5.24 -10.12
CA GLY A 215 12.72 -5.68 -10.02
C GLY A 215 12.38 -6.83 -10.95
N GLU A 216 12.87 -6.75 -12.20
CA GLU A 216 12.66 -7.81 -13.18
C GLU A 216 13.29 -9.13 -12.74
N GLY A 217 14.49 -9.03 -12.15
CA GLY A 217 15.18 -10.19 -11.55
C GLY A 217 14.40 -10.87 -10.44
N LEU A 218 13.64 -10.07 -9.69
CA LEU A 218 12.79 -10.59 -8.62
C LEU A 218 11.66 -11.46 -9.18
N PHE A 219 11.04 -11.02 -10.27
CA PHE A 219 9.99 -11.82 -10.92
C PHE A 219 10.55 -13.03 -11.67
N ALA A 220 11.76 -12.88 -12.21
CA ALA A 220 12.45 -13.99 -12.88
C ALA A 220 12.85 -15.10 -11.89
N GLY A 221 13.20 -14.71 -10.67
CA GLY A 221 13.61 -15.67 -9.63
C GLY A 221 12.47 -16.31 -8.86
N GLU A 222 11.24 -16.05 -9.29
CA GLU A 222 10.04 -16.59 -8.62
C GLU A 222 9.94 -18.09 -8.82
N LEU A 223 9.99 -18.84 -7.72
CA LEU A 223 9.69 -20.27 -7.76
C LEU A 223 8.18 -20.46 -7.68
N GLU A 224 7.51 -19.46 -7.11
CA GLU A 224 6.06 -19.35 -7.05
C GLU A 224 5.74 -17.84 -6.96
N PRO A 225 4.45 -17.45 -7.13
CA PRO A 225 4.13 -16.01 -7.00
C PRO A 225 4.50 -15.45 -5.63
N MET A 226 5.25 -14.34 -5.62
CA MET A 226 5.61 -13.66 -4.37
C MET A 226 4.32 -13.27 -3.67
N SER A 227 4.18 -13.65 -2.41
CA SER A 227 2.97 -13.35 -1.66
C SER A 227 2.94 -11.89 -1.25
N ASP A 228 1.75 -11.35 -1.09
CA ASP A 228 1.61 -10.00 -0.59
C ASP A 228 2.25 -9.85 0.80
N ALA A 229 2.11 -10.86 1.66
CA ALA A 229 2.72 -10.81 3.01
C ALA A 229 4.23 -10.65 2.92
N ARG A 230 4.86 -11.42 2.03
CA ARG A 230 6.32 -11.38 1.83
C ARG A 230 6.84 -10.09 1.17
N LEU A 231 6.05 -9.55 0.24
CA LEU A 231 6.36 -8.23 -0.32
C LEU A 231 6.36 -7.15 0.75
N LEU A 232 5.41 -7.24 1.69
CA LEU A 232 5.32 -6.27 2.77
C LEU A 232 6.50 -6.39 3.72
N ALA A 233 6.88 -7.64 4.01
CA ALA A 233 8.09 -7.92 4.80
C ALA A 233 9.32 -7.30 4.11
N MET A 234 9.43 -7.46 2.79
CA MET A 234 10.57 -6.91 2.05
C MET A 234 10.60 -5.38 2.16
N GLY A 235 9.44 -4.74 2.01
CA GLY A 235 9.33 -3.29 2.16
C GLY A 235 9.71 -2.83 3.55
N ARG A 236 9.24 -3.55 4.56
CA ARG A 236 9.54 -3.20 5.94
C ARG A 236 11.06 -3.24 6.20
N TYR A 237 11.70 -4.32 5.78
CA TYR A 237 13.14 -4.43 5.96
C TYR A 237 13.92 -3.40 5.13
N ALA A 238 13.46 -3.11 3.91
CA ALA A 238 14.12 -2.08 3.11
C ALA A 238 14.14 -0.72 3.86
N ARG A 239 13.00 -0.35 4.43
CA ARG A 239 12.91 0.87 5.22
C ARG A 239 13.86 0.84 6.43
N PHE A 240 13.86 -0.28 7.16
CA PHE A 240 14.80 -0.47 8.29
C PHE A 240 16.23 -0.15 7.88
N LEU A 241 16.62 -0.66 6.72
CA LEU A 241 18.00 -0.61 6.25
C LEU A 241 18.38 0.75 5.68
N ALA A 242 17.36 1.54 5.32
CA ALA A 242 17.59 2.91 4.86
C ALA A 242 17.66 3.92 6.01
N GLY A 243 17.35 3.48 7.23
CA GLY A 243 17.27 4.38 8.39
C GLY A 243 18.55 4.48 9.22
N PRO A 244 18.52 5.29 10.27
CA PRO A 244 19.73 5.55 11.06
C PRO A 244 20.25 4.29 11.74
N ARG A 245 21.44 3.85 11.36
CA ARG A 245 22.02 2.63 11.91
C ARG A 245 23.32 2.92 12.66
N PRO A 246 23.31 2.69 13.97
CA PRO A 246 24.45 3.04 14.82
C PRO A 246 25.62 3.59 14.01
N GLY A 247 26.60 2.73 13.72
CA GLY A 247 27.05 1.75 14.68
C GLY A 247 27.76 0.58 14.02
N ARG A 248 29.05 0.43 14.29
CA ARG A 248 29.97 -0.22 13.38
C ARG A 248 30.64 -1.43 14.03
N SER A 249 30.42 -2.60 13.45
CA SER A 249 31.00 -3.84 13.99
C SER A 249 32.52 -3.79 14.04
N SER A 250 33.07 -4.31 15.14
CA SER A 250 34.52 -4.46 15.30
C SER A 250 35.08 -5.62 14.47
N ALA A 251 34.22 -6.50 13.98
CA ALA A 251 34.65 -7.69 13.22
C ALA A 251 35.28 -7.34 11.88
N PRO A 252 36.35 -8.08 11.47
CA PRO A 252 36.96 -7.82 10.16
C PRO A 252 36.03 -8.20 9.00
N VAL A 253 36.11 -7.44 7.90
CA VAL A 253 35.19 -7.60 6.75
C VAL A 253 35.91 -8.07 5.50
N LEU A 254 35.36 -9.13 4.89
CA LEU A 254 35.71 -9.52 3.56
C LEU A 254 34.63 -8.96 2.64
N LEU A 255 35.06 -8.04 1.77
CA LEU A 255 34.20 -7.45 0.74
C LEU A 255 34.38 -8.25 -0.55
N VAL A 256 33.31 -8.94 -0.97
CA VAL A 256 33.33 -9.70 -2.22
C VAL A 256 32.54 -8.94 -3.29
N ARG A 257 33.21 -8.60 -4.39
CA ARG A 257 32.61 -7.77 -5.45
C ARG A 257 32.39 -8.48 -6.78
N ALA A 258 31.19 -8.31 -7.35
CA ALA A 258 30.93 -8.68 -8.75
C ALA A 258 31.90 -7.92 -9.68
N SER A 259 32.32 -8.55 -10.77
CA SER A 259 33.24 -7.95 -11.74
C SER A 259 32.57 -7.40 -13.01
N GLU A 260 31.32 -7.81 -13.24
N GLU A 260 31.32 -7.80 -13.25
CA GLU A 260 30.49 -7.39 -14.37
CA GLU A 260 30.57 -7.30 -14.39
C GLU A 260 29.34 -6.50 -13.89
C GLU A 260 29.35 -6.51 -13.94
N PRO A 261 29.05 -5.38 -14.60
CA PRO A 261 27.91 -4.53 -14.23
C PRO A 261 26.61 -5.21 -14.61
N LEU A 262 25.64 -5.15 -13.70
CA LEU A 262 24.33 -5.79 -13.90
C LEU A 262 23.57 -5.20 -15.09
N GLY A 263 23.66 -3.89 -15.24
CA GLY A 263 22.97 -3.19 -16.32
C GLY A 263 23.88 -2.15 -16.92
N ASP A 264 23.38 -1.39 -17.90
CA ASP A 264 24.17 -0.33 -18.51
C ASP A 264 24.47 0.76 -17.48
N TRP A 265 25.66 1.33 -17.61
CA TRP A 265 26.20 2.29 -16.65
C TRP A 265 27.11 3.25 -17.39
N GLN A 266 26.74 4.52 -17.41
CA GLN A 266 27.57 5.52 -18.07
C GLN A 266 28.78 5.82 -17.19
N GLU A 267 29.95 5.68 -17.80
CA GLU A 267 31.24 5.69 -17.11
C GLU A 267 31.51 6.90 -16.20
N GLU A 268 31.02 8.07 -16.57
CA GLU A 268 31.29 9.28 -15.78
C GLU A 268 30.40 9.45 -14.53
N ARG A 269 29.44 8.55 -14.32
CA ARG A 269 28.75 8.47 -13.03
C ARG A 269 29.78 8.08 -11.96
N GLY A 270 30.85 7.42 -12.38
CA GLY A 270 31.87 6.90 -11.48
C GLY A 270 31.88 5.38 -11.42
N ASP A 271 32.36 4.84 -10.30
CA ASP A 271 32.52 3.40 -10.10
C ASP A 271 31.20 2.72 -9.70
N TRP A 272 30.74 1.74 -10.49
CA TRP A 272 29.48 1.04 -10.21
C TRP A 272 29.63 -0.07 -9.15
N ARG A 273 30.87 -0.47 -8.87
CA ARG A 273 31.14 -1.65 -8.02
C ARG A 273 30.64 -1.50 -6.58
N ALA A 274 30.33 -2.64 -5.94
CA ALA A 274 29.94 -2.66 -4.53
C ALA A 274 31.01 -2.02 -3.63
N HIS A 275 30.60 -1.55 -2.45
CA HIS A 275 31.50 -0.80 -1.56
C HIS A 275 31.29 -1.12 -0.09
N TRP A 276 32.39 -1.12 0.67
CA TRP A 276 32.30 -1.09 2.11
C TRP A 276 33.46 -0.24 2.63
N ASP A 277 33.21 0.47 3.71
CA ASP A 277 34.21 1.37 4.32
C ASP A 277 35.25 0.54 5.07
N LEU A 278 36.52 0.66 4.68
CA LEU A 278 37.63 0.06 5.44
C LEU A 278 37.50 -1.49 5.61
N PRO A 279 37.35 -2.23 4.50
CA PRO A 279 37.27 -3.71 4.61
C PRO A 279 38.65 -4.28 4.95
N HIS A 280 38.67 -5.42 5.63
CA HIS A 280 39.92 -6.12 5.93
C HIS A 280 40.59 -6.62 4.64
N THR A 281 39.79 -7.22 3.76
CA THR A 281 40.23 -7.75 2.48
C THR A 281 39.14 -7.54 1.44
N VAL A 282 39.53 -7.34 0.19
CA VAL A 282 38.59 -7.25 -0.94
C VAL A 282 38.89 -8.35 -1.96
N ALA A 283 37.86 -9.07 -2.38
CA ALA A 283 38.00 -10.06 -3.43
C ALA A 283 37.04 -9.78 -4.58
N ASP A 284 37.54 -9.86 -5.81
CA ASP A 284 36.70 -9.71 -6.98
C ASP A 284 36.44 -11.08 -7.58
N VAL A 285 35.20 -11.31 -8.00
CA VAL A 285 34.81 -12.60 -8.56
C VAL A 285 34.05 -12.35 -9.86
N PRO A 286 33.99 -13.37 -10.76
CA PRO A 286 33.24 -13.25 -12.02
C PRO A 286 31.76 -13.08 -11.77
N GLY A 287 31.06 -12.57 -12.78
CA GLY A 287 29.62 -12.44 -12.72
C GLY A 287 29.17 -11.04 -12.32
N ASP A 288 27.86 -10.83 -12.35
CA ASP A 288 27.27 -9.57 -11.94
C ASP A 288 26.62 -9.70 -10.57
N HIS A 289 25.90 -8.67 -10.15
CA HIS A 289 25.22 -8.64 -8.85
C HIS A 289 24.45 -9.93 -8.59
N PHE A 290 23.82 -10.46 -9.63
CA PHE A 290 23.00 -11.67 -9.52
C PHE A 290 23.79 -12.94 -9.81
N THR A 291 24.51 -12.95 -10.93
CA THR A 291 25.17 -14.18 -11.39
C THR A 291 26.41 -14.60 -10.60
N MET A 292 27.02 -13.65 -9.89
CA MET A 292 28.11 -13.95 -8.97
C MET A 292 27.74 -15.07 -7.99
N MET A 293 26.47 -15.09 -7.56
CA MET A 293 25.98 -16.13 -6.66
C MET A 293 25.28 -17.24 -7.46
N ARG A 294 24.79 -16.92 -8.66
CA ARG A 294 23.98 -17.87 -9.44
C ARG A 294 24.86 -18.80 -10.27
N ASP A 295 25.84 -18.24 -10.98
CA ASP A 295 26.72 -19.02 -11.86
C ASP A 295 28.12 -19.22 -11.30
N HIS A 296 28.55 -18.34 -10.39
CA HIS A 296 29.94 -18.33 -9.93
C HIS A 296 30.10 -18.46 -8.41
N ALA A 297 29.14 -19.14 -7.78
CA ALA A 297 29.21 -19.36 -6.34
C ALA A 297 30.52 -20.02 -5.85
N PRO A 298 31.07 -21.00 -6.62
CA PRO A 298 32.39 -21.56 -6.22
C PRO A 298 33.49 -20.51 -6.06
N ALA A 299 33.50 -19.49 -6.91
CA ALA A 299 34.47 -18.40 -6.80
C ALA A 299 34.27 -17.61 -5.50
N VAL A 300 33.01 -17.35 -5.14
CA VAL A 300 32.69 -16.73 -3.85
C VAL A 300 33.22 -17.57 -2.67
N ALA A 301 32.86 -18.86 -2.69
CA ALA A 301 33.32 -19.80 -1.67
C ALA A 301 34.84 -19.82 -1.54
N GLU A 302 35.52 -19.85 -2.68
CA GLU A 302 36.99 -19.89 -2.75
C GLU A 302 37.60 -18.66 -2.05
N ALA A 303 37.03 -17.49 -2.32
CA ALA A 303 37.45 -16.24 -1.67
C ALA A 303 37.27 -16.31 -0.15
N VAL A 304 36.11 -16.83 0.29
CA VAL A 304 35.80 -16.93 1.71
C VAL A 304 36.78 -17.89 2.42
N LEU A 305 36.95 -19.09 1.87
CA LEU A 305 37.87 -20.08 2.44
C LEU A 305 39.32 -19.57 2.57
N SER A 306 39.83 -18.89 1.55
CA SER A 306 41.19 -18.33 1.62
C SER A 306 41.32 -17.28 2.73
N TRP A 307 40.31 -16.43 2.84
CA TRP A 307 40.31 -15.36 3.84
C TRP A 307 40.19 -15.92 5.25
N LEU A 308 39.35 -16.94 5.42
CA LEU A 308 39.17 -17.60 6.72
C LEU A 308 40.48 -18.23 7.20
N ASP A 309 41.24 -18.82 6.28
CA ASP A 309 42.55 -19.37 6.62
C ASP A 309 43.50 -18.25 7.04
N ALA A 310 43.46 -17.13 6.32
CA ALA A 310 44.27 -15.95 6.60
C ALA A 310 43.98 -15.29 7.95
N ILE A 311 42.71 -15.25 8.36
CA ILE A 311 42.37 -14.61 9.64
C ILE A 311 42.49 -15.55 10.84
N GLU A 312 42.52 -16.86 10.58
CA GLU A 312 42.70 -17.85 11.63
C GLU A 312 44.17 -18.22 11.84
N GLY A 313 44.91 -18.35 10.74
CA GLY A 313 46.30 -18.80 10.77
C GLY A 313 47.28 -17.70 10.40
N ALA B 30 -10.21 -12.48 2.29
CA ALA B 30 -10.17 -11.68 1.03
C ALA B 30 -8.74 -11.21 0.71
N GLY B 31 -8.61 -9.98 0.20
CA GLY B 31 -7.31 -9.45 -0.20
C GLY B 31 -6.54 -8.79 0.93
N MET B 32 -5.23 -8.61 0.70
CA MET B 32 -4.34 -8.00 1.68
C MET B 32 -4.71 -6.55 2.03
N PHE B 33 -5.08 -5.74 1.04
CA PHE B 33 -5.48 -4.36 1.36
C PHE B 33 -6.65 -4.32 2.32
N ARG B 34 -7.63 -5.21 2.13
CA ARG B 34 -8.76 -5.26 3.06
C ARG B 34 -8.33 -5.64 4.47
N ALA B 35 -7.43 -6.62 4.59
CA ALA B 35 -6.91 -7.04 5.89
C ALA B 35 -6.20 -5.89 6.61
N LEU B 36 -5.38 -5.15 5.87
CA LEU B 36 -4.63 -4.03 6.40
C LEU B 36 -5.59 -2.93 6.85
N PHE B 37 -6.63 -2.71 6.04
CA PHE B 37 -7.62 -1.69 6.34
C PHE B 37 -8.33 -2.01 7.65
N ARG B 38 -8.73 -3.28 7.82
CA ARG B 38 -9.41 -3.77 9.02
C ARG B 38 -8.57 -3.44 10.26
N GLN B 39 -7.28 -3.74 10.18
CA GLN B 39 -6.32 -3.48 11.25
C GLN B 39 -6.16 -1.98 11.52
N ALA B 40 -6.05 -1.19 10.45
CA ALA B 40 -5.93 0.26 10.56
C ALA B 40 -7.11 0.86 11.33
N VAL B 41 -8.31 0.41 10.98
CA VAL B 41 -9.55 0.86 11.63
C VAL B 41 -9.54 0.43 13.11
N GLU B 42 -9.21 -0.83 13.36
CA GLU B 42 -9.07 -1.35 14.73
C GLU B 42 -8.09 -0.52 15.56
N ASP B 43 -6.99 -0.08 14.95
CA ASP B 43 -5.99 0.76 15.60
C ASP B 43 -6.24 2.27 15.50
N ASP B 44 -7.41 2.66 15.02
CA ASP B 44 -7.77 4.08 14.89
C ASP B 44 -6.77 4.87 14.02
N ARG B 45 -6.41 4.28 12.87
CA ARG B 45 -5.50 4.92 11.90
C ARG B 45 -6.09 4.93 10.49
N TYR B 46 -7.39 5.21 10.40
CA TYR B 46 -8.12 5.29 9.11
C TYR B 46 -7.44 6.23 8.11
N GLY B 47 -7.13 7.45 8.58
CA GLY B 47 -6.57 8.50 7.74
C GLY B 47 -5.24 8.11 7.15
N GLU B 48 -4.36 7.58 7.98
CA GLU B 48 -3.05 7.11 7.50
C GLU B 48 -3.23 6.02 6.45
N PHE B 49 -4.16 5.09 6.71
CA PHE B 49 -4.33 4.02 5.74
C PHE B 49 -4.92 4.51 4.43
N LEU B 50 -5.83 5.48 4.50
CA LEU B 50 -6.38 6.07 3.29
C LEU B 50 -5.31 6.68 2.41
N ASP B 51 -4.30 7.29 3.03
CA ASP B 51 -3.16 7.83 2.29
C ASP B 51 -2.36 6.72 1.58
N VAL B 52 -2.20 5.57 2.24
CA VAL B 52 -1.54 4.42 1.59
C VAL B 52 -2.31 3.97 0.34
N LEU B 53 -3.62 3.85 0.46
CA LEU B 53 -4.46 3.47 -0.68
C LEU B 53 -4.32 4.45 -1.84
N ALA B 54 -4.34 5.75 -1.51
CA ALA B 54 -4.14 6.78 -2.53
C ALA B 54 -2.80 6.60 -3.26
N GLU B 55 -1.71 6.41 -2.50
CA GLU B 55 -0.39 6.23 -3.12
C GLU B 55 -0.30 4.95 -3.94
N ALA B 56 -0.86 3.86 -3.41
CA ALA B 56 -0.86 2.57 -4.09
C ALA B 56 -1.66 2.61 -5.41
N SER B 57 -2.77 3.36 -5.40
CA SER B 57 -3.64 3.50 -6.59
C SER B 57 -2.92 4.03 -7.84
N ALA B 58 -1.83 4.75 -7.63
CA ALA B 58 -1.03 5.30 -8.73
C ALA B 58 -0.46 4.22 -9.66
N PHE B 59 -0.40 2.98 -9.18
CA PHE B 59 0.15 1.85 -9.93
C PHE B 59 -0.90 0.94 -10.53
N ARG B 60 -2.16 1.37 -10.49
CA ARG B 60 -3.23 0.67 -11.19
C ARG B 60 -3.34 1.29 -12.59
N PRO B 61 -3.68 0.47 -13.61
CA PRO B 61 -3.91 0.99 -14.96
C PRO B 61 -5.02 2.06 -14.94
N GLN B 62 -4.81 3.11 -15.71
CA GLN B 62 -5.67 4.29 -15.66
C GLN B 62 -6.30 4.62 -17.01
N PHE B 63 -7.36 5.42 -16.98
CA PHE B 63 -7.86 6.08 -18.19
C PHE B 63 -7.59 7.58 -18.11
N ALA B 64 -7.04 8.12 -19.19
CA ALA B 64 -6.54 9.49 -19.19
C ALA B 64 -7.46 10.44 -19.97
N SER B 65 -8.45 9.87 -20.65
CA SER B 65 -9.45 10.64 -21.39
C SER B 65 -10.81 9.97 -21.15
N PRO B 66 -11.88 10.78 -21.08
CA PRO B 66 -13.21 10.20 -20.83
C PRO B 66 -13.59 9.04 -21.77
N GLU B 67 -13.22 9.15 -23.04
CA GLU B 67 -13.51 8.12 -24.05
C GLU B 67 -12.80 6.79 -23.77
N ALA B 68 -11.71 6.86 -23.00
CA ALA B 68 -10.91 5.70 -22.66
C ALA B 68 -11.42 4.94 -21.42
N CYS B 69 -12.48 5.46 -20.79
CA CYS B 69 -13.11 4.81 -19.63
C CYS B 69 -13.56 3.40 -20.00
N SER B 70 -13.16 2.41 -19.20
CA SER B 70 -13.37 1.01 -19.55
C SER B 70 -14.76 0.46 -19.23
N GLU B 71 -15.59 1.27 -18.57
CA GLU B 71 -16.90 0.80 -18.14
C GLU B 71 -18.08 1.60 -18.69
N ARG B 72 -19.22 0.93 -18.82
CA ARG B 72 -20.45 1.57 -19.26
C ARG B 72 -21.14 2.27 -18.09
N LEU B 73 -21.13 3.60 -18.11
CA LEU B 73 -21.62 4.40 -17.01
C LEU B 73 -23.11 4.76 -17.15
N ASP B 74 -23.85 3.91 -17.86
CA ASP B 74 -25.30 4.08 -18.04
C ASP B 74 -25.99 4.26 -16.69
N PRO B 75 -26.60 5.44 -16.46
CA PRO B 75 -27.35 5.62 -15.22
C PRO B 75 -28.51 4.64 -15.15
N VAL B 76 -28.84 4.18 -13.94
CA VAL B 76 -29.96 3.28 -13.75
C VAL B 76 -31.15 4.03 -13.20
N LEU B 77 -32.33 3.78 -13.78
CA LEU B 77 -33.57 4.38 -13.31
C LEU B 77 -34.14 3.62 -12.08
N LEU B 78 -34.08 4.25 -10.91
CA LEU B 78 -34.51 3.64 -9.66
C LEU B 78 -35.89 4.07 -9.19
N ALA B 79 -36.35 5.21 -9.70
CA ALA B 79 -37.72 5.66 -9.43
C ALA B 79 -38.26 6.39 -10.63
N GLY B 80 -39.57 6.29 -10.83
CA GLY B 80 -40.24 6.97 -11.92
C GLY B 80 -41.21 8.04 -11.44
N GLY B 81 -41.19 9.17 -12.13
CA GLY B 81 -42.07 10.29 -11.81
C GLY B 81 -43.41 10.09 -12.53
N PRO B 82 -44.32 11.07 -12.40
CA PRO B 82 -45.64 10.96 -13.03
C PRO B 82 -45.53 11.13 -14.55
N THR B 83 -46.53 10.63 -15.27
CA THR B 83 -46.63 10.81 -16.71
C THR B 83 -47.29 12.15 -17.00
N ASP B 84 -46.76 12.87 -18.00
CA ASP B 84 -47.11 14.26 -18.20
C ASP B 84 -46.77 15.10 -16.97
N GLU B 87 -42.12 17.05 -19.00
CA GLU B 87 -41.47 18.32 -19.31
C GLU B 87 -42.17 19.54 -18.68
N GLY B 88 -41.40 20.49 -18.15
CA GLY B 88 -39.93 20.37 -18.08
C GLY B 88 -39.49 20.18 -16.64
N ARG B 89 -40.04 19.15 -15.98
CA ARG B 89 -39.73 18.86 -14.59
C ARG B 89 -38.33 18.29 -14.45
N ALA B 90 -37.64 18.74 -13.42
CA ALA B 90 -36.30 18.27 -13.13
C ALA B 90 -36.27 16.76 -12.82
N VAL B 91 -35.21 16.11 -13.28
N VAL B 91 -35.26 16.09 -13.33
CA VAL B 91 -34.90 14.69 -12.98
CA VAL B 91 -34.98 14.73 -12.88
C VAL B 91 -33.74 14.61 -11.98
C VAL B 91 -33.91 14.81 -11.79
N LEU B 92 -33.90 13.80 -10.94
CA LEU B 92 -32.85 13.65 -9.91
C LEU B 92 -31.79 12.66 -10.36
N VAL B 93 -30.53 13.04 -10.17
CA VAL B 93 -29.41 12.18 -10.51
C VAL B 93 -28.58 11.94 -9.25
N GLY B 94 -28.58 10.69 -8.77
CA GLY B 94 -27.80 10.31 -7.60
C GLY B 94 -26.36 10.05 -8.00
N CYS B 95 -25.45 10.83 -7.41
CA CYS B 95 -24.03 10.70 -7.68
C CYS B 95 -23.41 9.75 -6.67
N THR B 96 -23.12 8.54 -7.14
CA THR B 96 -22.53 7.48 -6.31
C THR B 96 -21.28 7.98 -5.55
N GLY B 97 -21.23 7.69 -4.25
CA GLY B 97 -20.08 8.06 -3.40
C GLY B 97 -18.88 7.12 -3.54
N THR B 98 -17.84 7.38 -2.72
CA THR B 98 -16.55 6.71 -2.91
C THR B 98 -16.42 5.38 -2.17
N ALA B 99 -17.38 5.06 -1.31
CA ALA B 99 -17.25 3.88 -0.43
C ALA B 99 -16.94 2.59 -1.20
N ALA B 100 -15.90 1.89 -0.77
CA ALA B 100 -15.49 0.66 -1.45
C ALA B 100 -16.53 -0.47 -1.34
N ASN B 101 -17.40 -0.39 -0.33
CA ASN B 101 -18.51 -1.34 -0.16
C ASN B 101 -19.79 -0.92 -0.88
N GLY B 102 -19.72 0.23 -1.56
CA GLY B 102 -20.90 0.83 -2.17
C GLY B 102 -21.15 0.34 -3.59
N GLY B 103 -22.00 1.07 -4.31
CA GLY B 103 -22.33 0.73 -5.69
C GLY B 103 -23.81 0.97 -5.94
N PRO B 104 -24.40 0.19 -6.86
CA PRO B 104 -25.82 0.37 -7.26
C PRO B 104 -26.87 0.34 -6.15
N HIS B 105 -26.52 -0.16 -4.97
N HIS B 105 -26.52 -0.25 -5.00
CA HIS B 105 -27.45 -0.22 -3.84
CA HIS B 105 -27.35 -0.29 -3.77
C HIS B 105 -27.52 1.05 -3.00
C HIS B 105 -27.58 1.09 -3.13
N GLU B 106 -26.60 1.98 -3.24
CA GLU B 106 -26.54 3.21 -2.41
C GLU B 106 -27.86 3.98 -2.23
N PHE B 107 -28.56 4.25 -3.32
CA PHE B 107 -29.76 5.09 -3.30
C PHE B 107 -31.09 4.31 -3.26
N LEU B 108 -31.01 3.00 -3.09
CA LEU B 108 -32.26 2.19 -3.16
C LEU B 108 -33.30 2.62 -2.13
N ARG B 109 -32.90 2.73 -0.88
N ARG B 109 -32.90 2.73 -0.87
CA ARG B 109 -33.81 3.11 0.19
CA ARG B 109 -33.85 3.11 0.15
C ARG B 109 -34.41 4.49 -0.08
C ARG B 109 -34.43 4.50 -0.10
N LEU B 110 -33.55 5.47 -0.36
CA LEU B 110 -34.00 6.84 -0.68
C LEU B 110 -34.96 6.90 -1.88
N SER B 111 -34.62 6.16 -2.93
CA SER B 111 -35.33 6.25 -4.21
C SER B 111 -36.81 5.86 -4.08
N THR B 112 -37.14 4.97 -3.13
CA THR B 112 -38.54 4.54 -2.99
C THR B 112 -39.49 5.71 -2.73
N SER B 113 -39.00 6.72 -2.00
CA SER B 113 -39.78 7.91 -1.67
C SER B 113 -39.96 8.85 -2.86
N PHE B 114 -39.24 8.61 -3.95
CA PHE B 114 -39.42 9.42 -5.15
C PHE B 114 -40.38 8.78 -6.17
N GLN B 115 -40.76 7.52 -5.93
CA GLN B 115 -41.64 6.84 -6.86
C GLN B 115 -42.98 7.59 -6.96
N GLU B 116 -43.40 7.90 -8.18
CA GLU B 116 -44.61 8.73 -8.45
C GLU B 116 -44.39 10.23 -8.24
N GLU B 117 -43.16 10.64 -7.94
CA GLU B 117 -42.85 12.04 -7.69
C GLU B 117 -41.83 12.59 -8.67
N ARG B 118 -40.70 11.88 -8.79
CA ARG B 118 -39.59 12.30 -9.65
C ARG B 118 -38.87 11.10 -10.22
N ASP B 119 -38.44 11.23 -11.47
CA ASP B 119 -37.47 10.30 -12.04
C ASP B 119 -36.20 10.39 -11.22
N PHE B 120 -35.65 9.25 -10.82
CA PHE B 120 -34.39 9.26 -10.06
C PHE B 120 -33.42 8.33 -10.77
N LEU B 121 -32.31 8.88 -11.26
CA LEU B 121 -31.27 8.10 -11.94
C LEU B 121 -30.05 8.01 -11.05
N ALA B 122 -29.51 6.80 -10.89
CA ALA B 122 -28.21 6.64 -10.20
C ALA B 122 -27.07 6.49 -11.21
N VAL B 123 -26.07 7.35 -11.11
CA VAL B 123 -24.90 7.27 -12.01
C VAL B 123 -23.72 6.63 -11.28
N PRO B 124 -23.08 5.61 -11.92
CA PRO B 124 -21.90 4.96 -11.33
C PRO B 124 -20.71 5.90 -11.24
N LEU B 125 -19.85 5.64 -10.25
CA LEU B 125 -18.59 6.34 -10.15
C LEU B 125 -17.53 5.49 -10.88
N PRO B 126 -16.84 6.09 -11.88
CA PRO B 126 -15.86 5.33 -12.67
C PRO B 126 -14.73 4.72 -11.84
N GLY B 127 -14.35 3.48 -12.16
CA GLY B 127 -13.21 2.82 -11.53
C GLY B 127 -13.57 1.72 -10.56
N TYR B 128 -14.87 1.49 -10.37
CA TYR B 128 -15.36 0.49 -9.43
C TYR B 128 -15.90 -0.76 -10.12
N GLY B 129 -15.98 -0.73 -11.45
CA GLY B 129 -16.63 -1.79 -12.23
C GLY B 129 -15.76 -3.02 -12.47
N THR B 130 -16.35 -4.03 -13.11
CA THR B 130 -15.69 -5.32 -13.33
C THR B 130 -15.87 -5.82 -14.76
N GLY B 135 -10.91 -9.28 -14.35
CA GLY B 135 -10.82 -7.97 -14.99
C GLY B 135 -11.50 -6.88 -14.17
N THR B 136 -10.74 -5.84 -13.84
CA THR B 136 -11.29 -4.71 -13.07
C THR B 136 -11.10 -3.37 -13.81
N ALA B 137 -12.01 -2.44 -13.52
CA ALA B 137 -12.10 -1.17 -14.27
C ALA B 137 -10.84 -0.32 -14.16
N LEU B 138 -10.55 0.44 -15.21
CA LEU B 138 -9.48 1.44 -15.19
C LEU B 138 -9.83 2.56 -14.21
N LEU B 139 -8.83 3.05 -13.50
CA LEU B 139 -9.01 4.17 -12.57
C LEU B 139 -8.82 5.48 -13.33
N PRO B 140 -9.60 6.52 -12.99
CA PRO B 140 -9.36 7.79 -13.71
C PRO B 140 -8.00 8.38 -13.39
N ALA B 141 -7.34 8.95 -14.40
CA ALA B 141 -6.07 9.63 -14.17
C ALA B 141 -6.24 10.81 -13.22
N ASP B 142 -7.34 11.54 -13.36
CA ASP B 142 -7.64 12.66 -12.48
C ASP B 142 -9.16 12.79 -12.33
N LEU B 143 -9.60 13.63 -11.40
CA LEU B 143 -11.03 13.76 -11.13
C LEU B 143 -11.83 14.27 -12.33
N ASP B 144 -11.29 15.28 -13.04
CA ASP B 144 -12.00 15.84 -14.20
C ASP B 144 -12.29 14.81 -15.30
N THR B 145 -11.36 13.88 -15.51
CA THR B 145 -11.57 12.80 -16.48
C THR B 145 -12.75 11.92 -16.10
N ALA B 146 -12.85 11.55 -14.82
CA ALA B 146 -14.02 10.82 -14.32
C ALA B 146 -15.31 11.63 -14.44
N LEU B 147 -15.25 12.91 -14.06
CA LEU B 147 -16.44 13.76 -14.13
C LEU B 147 -16.94 13.93 -15.58
N ASP B 148 -16.01 14.02 -16.52
CA ASP B 148 -16.37 14.13 -17.95
C ASP B 148 -17.08 12.87 -18.46
N ALA B 149 -16.57 11.71 -18.06
CA ALA B 149 -17.23 10.44 -18.35
C ALA B 149 -18.66 10.40 -17.80
N GLN B 150 -18.81 10.80 -16.55
CA GLN B 150 -20.12 10.84 -15.92
C GLN B 150 -21.05 11.83 -16.62
N ALA B 151 -20.55 13.04 -16.90
CA ALA B 151 -21.33 14.08 -17.58
C ALA B 151 -21.94 13.56 -18.88
N ARG B 152 -21.11 12.93 -19.71
CA ARG B 152 -21.55 12.37 -20.98
C ARG B 152 -22.74 11.43 -20.78
N ALA B 153 -22.59 10.49 -19.84
CA ALA B 153 -23.62 9.49 -19.61
C ALA B 153 -24.93 10.10 -19.11
N ILE B 154 -24.81 11.10 -18.23
CA ILE B 154 -25.96 11.79 -17.64
C ILE B 154 -26.77 12.58 -18.69
N LEU B 155 -26.05 13.34 -19.50
CA LEU B 155 -26.68 14.17 -20.53
C LEU B 155 -27.45 13.32 -21.54
N ARG B 156 -26.88 12.18 -21.93
CA ARG B 156 -27.56 11.17 -22.77
C ARG B 156 -28.84 10.66 -22.13
N ALA B 157 -28.74 10.26 -20.86
CA ALA B 157 -29.88 9.68 -20.14
C ALA B 157 -30.99 10.68 -19.86
N ALA B 158 -30.60 11.92 -19.59
CA ALA B 158 -31.55 12.95 -19.14
C ALA B 158 -32.34 13.58 -20.28
N GLY B 159 -31.73 13.64 -21.45
CA GLY B 159 -32.31 14.31 -22.59
C GLY B 159 -32.51 15.78 -22.35
N ASP B 160 -33.75 16.23 -22.45
CA ASP B 160 -34.08 17.64 -22.39
C ASP B 160 -34.43 18.07 -20.99
N ALA B 161 -34.59 17.11 -20.09
CA ALA B 161 -35.03 17.42 -18.75
C ALA B 161 -33.92 18.12 -17.97
N PRO B 162 -34.26 19.10 -17.16
CA PRO B 162 -33.24 19.72 -16.28
C PRO B 162 -32.78 18.65 -15.29
N VAL B 163 -31.57 18.79 -14.78
CA VAL B 163 -30.98 17.78 -13.94
C VAL B 163 -30.72 18.41 -12.57
N VAL B 164 -31.08 17.70 -11.51
CA VAL B 164 -30.68 18.11 -10.15
C VAL B 164 -29.81 16.96 -9.63
N LEU B 165 -28.58 17.32 -9.24
CA LEU B 165 -27.62 16.32 -8.75
C LEU B 165 -27.78 16.15 -7.24
N LEU B 166 -27.63 14.91 -6.78
CA LEU B 166 -27.79 14.61 -5.37
C LEU B 166 -26.65 13.69 -4.95
N GLY B 167 -26.02 13.99 -3.83
CA GLY B 167 -24.98 13.07 -3.30
C GLY B 167 -24.95 13.14 -1.78
N HIS B 168 -24.46 12.06 -1.16
CA HIS B 168 -24.33 11.95 0.30
C HIS B 168 -22.85 11.81 0.68
N ALA B 169 -22.44 12.60 1.67
CA ALA B 169 -21.09 12.53 2.28
C ALA B 169 -20.03 12.82 1.21
N GLY B 170 -19.12 11.89 0.96
CA GLY B 170 -18.17 12.08 -0.15
C GLY B 170 -18.87 12.26 -1.50
N GLY B 171 -20.01 11.59 -1.65
CA GLY B 171 -20.85 11.73 -2.86
C GLY B 171 -21.40 13.15 -3.02
N ALA B 172 -21.68 13.80 -1.89
CA ALA B 172 -22.08 15.20 -1.92
C ALA B 172 -20.98 16.09 -2.48
N LEU B 173 -19.74 15.90 -2.00
CA LEU B 173 -18.59 16.59 -2.57
C LEU B 173 -18.47 16.33 -4.07
N LEU B 174 -18.62 15.07 -4.46
CA LEU B 174 -18.59 14.69 -5.87
C LEU B 174 -19.73 15.33 -6.68
N ALA B 175 -20.90 15.46 -6.08
CA ALA B 175 -22.04 16.07 -6.77
C ALA B 175 -21.69 17.52 -7.11
N HIS B 176 -21.11 18.24 -6.16
CA HIS B 176 -20.79 19.64 -6.43
C HIS B 176 -19.70 19.75 -7.50
N GLU B 177 -18.66 18.90 -7.42
CA GLU B 177 -17.58 18.94 -8.40
C GLU B 177 -18.08 18.63 -9.80
N LEU B 178 -19.00 17.67 -9.90
CA LEU B 178 -19.65 17.34 -11.17
C LEU B 178 -20.45 18.54 -11.70
N ALA B 179 -21.25 19.15 -10.83
CA ALA B 179 -22.02 20.35 -11.19
C ALA B 179 -21.14 21.44 -11.82
N PHE B 180 -20.00 21.71 -11.18
CA PHE B 180 -19.08 22.71 -11.71
C PHE B 180 -18.54 22.30 -13.09
N ARG B 181 -18.17 21.02 -13.23
CA ARG B 181 -17.63 20.53 -14.52
C ARG B 181 -18.66 20.62 -15.63
N LEU B 182 -19.90 20.27 -15.31
CA LEU B 182 -20.99 20.35 -16.28
C LEU B 182 -21.12 21.77 -16.81
N GLU B 183 -21.10 22.73 -15.88
CA GLU B 183 -21.20 24.15 -16.19
C GLU B 183 -19.99 24.66 -16.97
N ARG B 184 -18.79 24.35 -16.49
CA ARG B 184 -17.57 24.84 -17.10
C ARG B 184 -17.34 24.23 -18.48
N ALA B 185 -17.43 22.91 -18.57
CA ALA B 185 -16.89 22.15 -19.70
C ALA B 185 -17.95 21.52 -20.61
N HIS B 186 -19.20 21.53 -20.19
CA HIS B 186 -20.27 20.90 -20.97
C HIS B 186 -21.41 21.86 -21.26
N GLY B 187 -21.15 23.15 -21.02
CA GLY B 187 -22.14 24.22 -21.21
C GLY B 187 -23.52 23.97 -20.62
N ALA B 188 -23.56 23.23 -19.51
CA ALA B 188 -24.81 22.70 -18.96
C ALA B 188 -24.85 22.70 -17.43
N PRO B 189 -24.98 23.89 -16.79
CA PRO B 189 -25.06 23.83 -15.33
C PRO B 189 -26.33 23.09 -14.96
N PRO B 190 -26.31 22.29 -13.87
CA PRO B 190 -27.52 21.61 -13.43
C PRO B 190 -28.49 22.63 -12.89
N ALA B 191 -29.76 22.25 -12.79
CA ALA B 191 -30.78 23.09 -12.17
C ALA B 191 -30.64 23.25 -10.65
N GLY B 192 -29.92 22.34 -10.01
CA GLY B 192 -29.76 22.39 -8.56
C GLY B 192 -28.82 21.29 -8.10
N ILE B 193 -28.37 21.41 -6.86
CA ILE B 193 -27.53 20.39 -6.20
C ILE B 193 -28.04 20.13 -4.79
N VAL B 194 -28.26 18.85 -4.45
CA VAL B 194 -28.68 18.46 -3.13
C VAL B 194 -27.45 17.83 -2.47
N LEU B 195 -26.96 18.47 -1.42
CA LEU B 195 -25.78 18.01 -0.69
C LEU B 195 -26.22 17.42 0.66
N VAL B 196 -26.14 16.10 0.77
CA VAL B 196 -26.62 15.43 1.97
C VAL B 196 -25.42 15.20 2.89
N ASP B 197 -25.32 15.99 3.95
CA ASP B 197 -24.24 15.88 4.94
C ASP B 197 -22.81 16.03 4.37
N PRO B 198 -22.54 17.15 3.64
CA PRO B 198 -21.17 17.35 3.10
C PRO B 198 -20.21 17.86 4.17
N TYR B 199 -18.97 17.39 4.13
CA TYR B 199 -17.93 17.91 5.03
C TYR B 199 -16.77 18.35 4.14
N PRO B 200 -16.86 19.58 3.60
CA PRO B 200 -15.88 20.06 2.63
C PRO B 200 -14.55 20.44 3.30
N PRO B 201 -13.45 20.49 2.52
CA PRO B 201 -12.16 20.95 3.07
C PRO B 201 -12.32 22.24 3.88
N GLY B 202 -11.69 22.27 5.06
CA GLY B 202 -11.80 23.39 5.98
C GLY B 202 -12.92 23.21 6.99
N HIS B 203 -13.76 22.19 6.79
CA HIS B 203 -14.92 21.94 7.65
C HIS B 203 -15.05 20.46 8.00
N GLN B 204 -13.95 19.71 7.88
CA GLN B 204 -14.03 18.25 8.05
C GLN B 204 -13.50 17.70 9.39
N GLU B 205 -13.19 18.56 10.34
CA GLU B 205 -12.73 18.10 11.66
C GLU B 205 -13.61 16.99 12.30
N PRO B 206 -14.96 17.16 12.31
CA PRO B 206 -15.77 16.10 12.92
C PRO B 206 -15.63 14.74 12.22
N ILE B 207 -15.51 14.77 10.90
CA ILE B 207 -15.40 13.55 10.12
C ILE B 207 -14.03 12.89 10.29
N GLU B 208 -13.02 13.71 10.53
CA GLU B 208 -11.69 13.22 10.87
C GLU B 208 -11.69 12.59 12.26
N VAL B 209 -12.33 13.28 13.20
CA VAL B 209 -12.46 12.82 14.58
C VAL B 209 -13.27 11.51 14.67
N TRP B 210 -14.28 11.37 13.81
CA TRP B 210 -15.11 10.17 13.75
C TRP B 210 -14.65 9.10 12.73
N SER B 211 -13.40 9.16 12.27
CA SER B 211 -12.96 8.26 11.19
C SER B 211 -13.06 6.77 11.55
N ARG B 212 -12.82 6.43 12.82
CA ARG B 212 -12.95 5.03 13.25
C ARG B 212 -14.36 4.53 12.97
N GLN B 213 -15.36 5.35 13.31
CA GLN B 213 -16.76 5.02 13.03
C GLN B 213 -17.03 4.89 11.54
N LEU B 214 -16.42 5.76 10.74
CA LEU B 214 -16.55 5.69 9.29
C LEU B 214 -16.01 4.35 8.79
N GLY B 215 -14.81 3.98 9.23
CA GLY B 215 -14.22 2.68 8.86
C GLY B 215 -15.01 1.48 9.35
N GLU B 216 -15.52 1.54 10.57
CA GLU B 216 -16.32 0.43 11.10
C GLU B 216 -17.61 0.29 10.30
N GLY B 217 -18.17 1.42 9.86
CA GLY B 217 -19.37 1.45 9.04
C GLY B 217 -19.20 0.75 7.71
N LEU B 218 -18.02 0.90 7.10
CA LEU B 218 -17.72 0.25 5.82
C LEU B 218 -17.73 -1.26 5.96
N PHE B 219 -17.06 -1.78 6.99
CA PHE B 219 -17.08 -3.22 7.26
C PHE B 219 -18.47 -3.73 7.61
N ALA B 220 -19.20 -2.96 8.41
CA ALA B 220 -20.57 -3.30 8.80
C ALA B 220 -21.49 -3.39 7.58
N GLY B 221 -21.30 -2.47 6.62
CA GLY B 221 -22.14 -2.37 5.44
C GLY B 221 -21.78 -3.31 4.30
N GLU B 222 -20.80 -4.18 4.50
CA GLU B 222 -20.39 -5.15 3.50
C GLU B 222 -21.49 -6.16 3.17
N LEU B 223 -21.84 -6.26 1.90
CA LEU B 223 -22.71 -7.33 1.41
C LEU B 223 -21.82 -8.43 0.85
N GLU B 224 -20.54 -8.07 0.68
CA GLU B 224 -19.48 -8.97 0.25
C GLU B 224 -18.17 -8.30 0.66
N PRO B 225 -17.05 -9.07 0.75
CA PRO B 225 -15.76 -8.46 1.09
C PRO B 225 -15.37 -7.36 0.11
N MET B 226 -15.05 -6.19 0.65
CA MET B 226 -14.55 -5.08 -0.14
C MET B 226 -13.30 -5.51 -0.91
N SER B 227 -13.35 -5.40 -2.24
CA SER B 227 -12.21 -5.82 -3.06
C SER B 227 -11.04 -4.86 -2.91
N ASP B 228 -9.81 -5.37 -3.06
CA ASP B 228 -8.64 -4.50 -3.04
C ASP B 228 -8.75 -3.45 -4.18
N ALA B 229 -9.30 -3.84 -5.33
CA ALA B 229 -9.46 -2.91 -6.45
C ALA B 229 -10.34 -1.71 -6.06
N ARG B 230 -11.43 -1.98 -5.35
CA ARG B 230 -12.36 -0.90 -4.93
C ARG B 230 -11.82 -0.05 -3.79
N LEU B 231 -11.06 -0.68 -2.89
CA LEU B 231 -10.35 0.07 -1.83
C LEU B 231 -9.35 1.06 -2.43
N LEU B 232 -8.64 0.65 -3.48
CA LEU B 232 -7.71 1.57 -4.16
C LEU B 232 -8.46 2.71 -4.88
N ALA B 233 -9.60 2.38 -5.48
CA ALA B 233 -10.45 3.42 -6.12
C ALA B 233 -10.87 4.44 -5.06
N MET B 234 -11.32 3.94 -3.90
CA MET B 234 -11.75 4.80 -2.81
C MET B 234 -10.63 5.74 -2.35
N GLY B 235 -9.42 5.21 -2.21
CA GLY B 235 -8.28 6.04 -1.82
C GLY B 235 -7.96 7.10 -2.86
N ARG B 236 -8.03 6.72 -4.13
CA ARG B 236 -7.72 7.63 -5.24
C ARG B 236 -8.67 8.81 -5.27
N TYR B 237 -9.97 8.55 -5.15
CA TYR B 237 -10.97 9.63 -5.09
C TYR B 237 -10.86 10.51 -3.84
N ALA B 238 -10.59 9.89 -2.69
CA ALA B 238 -10.34 10.65 -1.46
C ALA B 238 -9.24 11.69 -1.67
N ARG B 239 -8.14 11.28 -2.29
CA ARG B 239 -7.03 12.17 -2.59
C ARG B 239 -7.45 13.27 -3.58
N PHE B 240 -8.21 12.90 -4.62
CA PHE B 240 -8.77 13.89 -5.57
C PHE B 240 -9.54 14.98 -4.83
N LEU B 241 -10.38 14.56 -3.89
CA LEU B 241 -11.33 15.46 -3.23
C LEU B 241 -10.66 16.35 -2.19
N ALA B 242 -9.44 15.96 -1.81
CA ALA B 242 -8.64 16.71 -0.85
C ALA B 242 -7.78 17.77 -1.54
N GLY B 243 -7.59 17.64 -2.85
CA GLY B 243 -6.76 18.58 -3.62
C GLY B 243 -7.43 19.90 -3.97
N PRO B 244 -6.69 20.83 -4.58
CA PRO B 244 -7.26 22.14 -4.93
C PRO B 244 -8.21 22.02 -6.12
N ARG B 245 -9.43 22.55 -5.96
CA ARG B 245 -10.44 22.49 -7.01
C ARG B 245 -10.81 23.89 -7.49
N PRO B 246 -11.45 23.95 -8.65
CA PRO B 246 -11.16 25.00 -9.64
C PRO B 246 -12.17 26.14 -9.58
N GLY B 247 -13.33 25.88 -8.99
CA GLY B 247 -14.23 26.93 -8.58
C GLY B 247 -15.57 26.39 -8.11
N ARG B 248 -16.58 27.26 -8.10
CA ARG B 248 -17.86 26.95 -7.46
C ARG B 248 -19.00 27.01 -8.47
N SER B 249 -19.87 25.99 -8.43
CA SER B 249 -21.06 25.96 -9.27
C SER B 249 -22.02 27.14 -9.00
N SER B 250 -22.67 27.62 -10.05
CA SER B 250 -23.67 28.68 -9.88
C SER B 250 -25.05 28.10 -9.54
N ALA B 251 -25.16 26.77 -9.58
CA ALA B 251 -26.43 26.11 -9.25
C ALA B 251 -26.83 26.31 -7.80
N PRO B 252 -28.15 26.45 -7.52
CA PRO B 252 -28.62 26.58 -6.14
C PRO B 252 -28.42 25.28 -5.35
N VAL B 253 -28.11 25.44 -4.07
CA VAL B 253 -27.79 24.28 -3.21
C VAL B 253 -28.82 24.08 -2.12
N LEU B 254 -29.26 22.83 -1.97
CA LEU B 254 -30.01 22.41 -0.80
C LEU B 254 -29.01 21.67 0.08
N LEU B 255 -28.83 22.19 1.29
CA LEU B 255 -28.02 21.53 2.33
C LEU B 255 -28.91 20.72 3.28
N VAL B 256 -28.72 19.40 3.28
CA VAL B 256 -29.45 18.52 4.21
C VAL B 256 -28.49 18.05 5.28
N ARG B 257 -28.83 18.31 6.54
CA ARG B 257 -27.95 18.00 7.67
C ARG B 257 -28.55 16.97 8.63
N ALA B 258 -27.75 15.99 9.02
CA ALA B 258 -28.10 15.09 10.10
C ALA B 258 -28.26 15.89 11.39
N SER B 259 -29.11 15.40 12.28
CA SER B 259 -29.44 16.10 13.51
C SER B 259 -28.73 15.52 14.76
N GLU B 260 -28.20 14.31 14.62
CA GLU B 260 -27.47 13.62 15.70
C GLU B 260 -26.03 13.35 15.32
N PRO B 261 -25.09 13.57 16.26
CA PRO B 261 -23.67 13.30 15.99
C PRO B 261 -23.38 11.81 15.85
N LEU B 262 -22.49 11.47 14.93
CA LEU B 262 -22.12 10.08 14.68
C LEU B 262 -21.33 9.51 15.88
N GLY B 263 -20.57 10.36 16.54
CA GLY B 263 -19.75 9.95 17.67
C GLY B 263 -19.67 11.00 18.73
N ASP B 264 -18.67 10.87 19.60
CA ASP B 264 -18.45 11.83 20.68
C ASP B 264 -17.95 13.17 20.16
N TRP B 265 -18.44 14.24 20.78
CA TRP B 265 -18.08 15.59 20.41
C TRP B 265 -18.29 16.50 21.60
N GLN B 266 -17.23 17.19 22.00
CA GLN B 266 -17.33 18.22 23.04
C GLN B 266 -18.01 19.46 22.51
N GLU B 267 -19.06 19.89 23.21
CA GLU B 267 -19.78 21.14 22.92
C GLU B 267 -18.84 22.32 22.66
N GLU B 268 -17.83 22.46 23.52
CA GLU B 268 -16.88 23.59 23.43
C GLU B 268 -16.04 23.60 22.14
N ARG B 269 -15.98 22.47 21.44
CA ARG B 269 -15.19 22.37 20.21
C ARG B 269 -15.92 22.91 18.97
N GLY B 270 -17.16 23.37 19.17
CA GLY B 270 -17.94 23.97 18.09
C GLY B 270 -19.03 23.07 17.51
N ASP B 271 -19.57 23.50 16.37
CA ASP B 271 -20.61 22.75 15.67
C ASP B 271 -19.99 21.58 14.91
N TRP B 272 -20.55 20.39 15.11
CA TRP B 272 -20.07 19.16 14.48
C TRP B 272 -20.76 18.92 13.13
N ARG B 273 -21.78 19.72 12.84
CA ARG B 273 -22.67 19.45 11.70
C ARG B 273 -22.00 19.67 10.35
N ALA B 274 -22.56 19.03 9.33
CA ALA B 274 -22.20 19.24 7.93
C ALA B 274 -22.31 20.72 7.56
N HIS B 275 -21.53 21.15 6.57
CA HIS B 275 -21.46 22.56 6.20
C HIS B 275 -21.39 22.79 4.69
N TRP B 276 -22.05 23.86 4.25
CA TRP B 276 -21.82 24.41 2.92
C TRP B 276 -21.99 25.92 3.02
N ASP B 277 -21.19 26.65 2.27
CA ASP B 277 -21.29 28.11 2.27
C ASP B 277 -22.56 28.56 1.57
N LEU B 278 -23.30 29.45 2.23
CA LEU B 278 -24.46 30.14 1.65
C LEU B 278 -25.37 29.24 0.80
N PRO B 279 -25.94 28.19 1.43
CA PRO B 279 -26.86 27.37 0.62
C PRO B 279 -28.15 28.12 0.34
N HIS B 280 -28.85 27.71 -0.72
CA HIS B 280 -30.15 28.28 -1.04
C HIS B 280 -31.14 27.95 0.07
N THR B 281 -31.11 26.70 0.53
CA THR B 281 -32.01 26.23 1.58
C THR B 281 -31.25 25.21 2.43
N VAL B 282 -31.55 25.22 3.74
CA VAL B 282 -31.04 24.21 4.67
C VAL B 282 -32.20 23.40 5.23
N ALA B 283 -32.06 22.08 5.26
CA ALA B 283 -33.04 21.20 5.88
C ALA B 283 -32.34 20.32 6.91
N ASP B 284 -32.88 20.28 8.13
CA ASP B 284 -32.39 19.37 9.15
C ASP B 284 -33.27 18.14 9.21
N VAL B 285 -32.65 16.97 9.28
CA VAL B 285 -33.41 15.71 9.30
C VAL B 285 -32.96 14.83 10.46
N PRO B 286 -33.84 13.91 10.92
CA PRO B 286 -33.46 12.96 11.94
C PRO B 286 -32.32 12.04 11.52
N GLY B 287 -31.63 11.48 12.51
CA GLY B 287 -30.60 10.49 12.28
C GLY B 287 -29.22 11.09 12.30
N ASP B 288 -28.21 10.23 12.17
CA ASP B 288 -26.83 10.68 12.11
C ASP B 288 -26.32 10.60 10.69
N HIS B 289 -25.02 10.77 10.52
CA HIS B 289 -24.36 10.77 9.21
C HIS B 289 -24.77 9.56 8.38
N PHE B 290 -24.88 8.40 9.02
CA PHE B 290 -25.31 7.18 8.34
C PHE B 290 -26.82 6.99 8.26
N THR B 291 -27.51 7.08 9.40
CA THR B 291 -28.93 6.69 9.47
C THR B 291 -29.90 7.64 8.76
N MET B 292 -29.44 8.83 8.40
CA MET B 292 -30.24 9.76 7.61
C MET B 292 -30.57 9.19 6.23
N MET B 293 -29.74 8.29 5.73
CA MET B 293 -29.93 7.67 4.41
C MET B 293 -30.53 6.25 4.48
N ARG B 294 -30.98 5.88 5.67
CA ARG B 294 -31.53 4.53 5.88
C ARG B 294 -32.89 4.69 6.52
N ASP B 295 -32.91 4.49 7.84
N ASP B 295 -32.99 4.48 7.83
CA ASP B 295 -34.08 4.70 8.70
CA ASP B 295 -34.28 4.63 8.51
C ASP B 295 -34.87 5.93 8.26
C ASP B 295 -34.94 5.99 8.32
N HIS B 296 -34.14 7.05 8.14
CA HIS B 296 -34.71 8.38 7.93
C HIS B 296 -34.64 8.93 6.49
N ALA B 297 -34.42 8.05 5.53
CA ALA B 297 -34.39 8.47 4.11
C ALA B 297 -35.68 9.21 3.66
N PRO B 298 -36.89 8.77 4.16
CA PRO B 298 -38.09 9.54 3.79
C PRO B 298 -38.04 11.01 4.15
N ALA B 299 -37.36 11.36 5.25
CA ALA B 299 -37.21 12.76 5.65
C ALA B 299 -36.30 13.54 4.68
N VAL B 300 -35.26 12.89 4.17
CA VAL B 300 -34.40 13.50 3.16
C VAL B 300 -35.22 13.72 1.88
N ALA B 301 -35.95 12.70 1.46
CA ALA B 301 -36.78 12.77 0.25
C ALA B 301 -37.80 13.90 0.34
N GLU B 302 -38.46 14.01 1.50
CA GLU B 302 -39.47 15.04 1.75
C GLU B 302 -38.87 16.44 1.57
N ALA B 303 -37.67 16.64 2.15
CA ALA B 303 -36.94 17.91 2.03
C ALA B 303 -36.60 18.22 0.57
N VAL B 304 -36.14 17.22 -0.18
CA VAL B 304 -35.82 17.38 -1.60
C VAL B 304 -37.07 17.77 -2.40
N LEU B 305 -38.15 17.02 -2.21
CA LEU B 305 -39.37 17.28 -2.97
C LEU B 305 -39.91 18.71 -2.78
N SER B 306 -39.95 19.17 -1.53
CA SER B 306 -40.36 20.53 -1.19
C SER B 306 -39.48 21.60 -1.85
N TRP B 307 -38.16 21.36 -1.78
CA TRP B 307 -37.21 22.29 -2.38
C TRP B 307 -37.36 22.36 -3.90
N LEU B 308 -37.54 21.22 -4.55
CA LEU B 308 -37.72 21.17 -6.01
C LEU B 308 -38.93 22.00 -6.45
N ASP B 309 -40.01 21.91 -5.68
CA ASP B 309 -41.20 22.72 -5.93
C ASP B 309 -40.89 24.22 -5.82
N ALA B 310 -40.15 24.58 -4.78
CA ALA B 310 -39.75 25.98 -4.54
C ALA B 310 -38.84 26.56 -5.62
N ILE B 311 -37.86 25.79 -6.10
CA ILE B 311 -36.96 26.31 -7.13
C ILE B 311 -37.58 26.31 -8.53
N GLU B 312 -38.61 25.48 -8.71
CA GLU B 312 -39.35 25.41 -9.96
C GLU B 312 -40.56 26.35 -9.90
#